data_4JC3
#
_entry.id   4JC3
#
_cell.length_a   82.210
_cell.length_b   112.490
_cell.length_c   62.450
_cell.angle_alpha   90.00
_cell.angle_beta   90.00
_cell.angle_gamma   90.00
#
_symmetry.space_group_name_H-M   'C 2 2 21'
#
loop_
_entity.id
_entity.type
_entity.pdbx_description
1 polymer '14-3-3 protein sigma'
2 polymer 'Estrogen receptor Peptide'
3 non-polymer 'MAGNESIUM ION'
4 water water
#
loop_
_entity_poly.entity_id
_entity_poly.type
_entity_poly.pdbx_seq_one_letter_code
_entity_poly.pdbx_strand_id
1 'polypeptide(L)'
;GAMGSMERASLIQKAKLAEQAERYEDMAAFMKGAVEKGEELSCEERNLLSVAYKNVVGGQRAAWRVLSSIEQKSNEEGSE
EKGPEVREYREKVETELQGVCDTVLGLLDSHLIKEAGDAESRVFYLKMKGDYYRYLAEVATGDDKKRIIDSARSAYQEAM
DISKKEMPPTNPIRLGLALNFSVFHYEIANSPEEAISLAKTTFDEAMADLHTLSEDSYKDSTLIMQLLRDNLTLWT
;
A
2 'polypeptide(L)' TGEAEGFPA(TPO)V B
#
# COMPACT_ATOMS: atom_id res chain seq x y z
N GLY A 1 22.29 5.09 -9.53
CA GLY A 1 21.87 5.04 -8.12
C GLY A 1 22.67 6.17 -7.54
N ALA A 2 22.01 7.32 -7.34
CA ALA A 2 22.61 8.46 -6.64
C ALA A 2 23.11 8.03 -5.24
N MET A 3 22.62 6.87 -4.72
CA MET A 3 22.92 6.46 -3.33
C MET A 3 23.97 5.39 -3.27
N GLY A 4 24.49 5.10 -4.46
CA GLY A 4 25.49 4.07 -4.68
C GLY A 4 26.74 4.18 -3.85
N SER A 5 27.18 5.42 -3.56
CA SER A 5 28.39 5.70 -2.77
C SER A 5 28.16 5.80 -1.23
N MET A 6 26.90 5.77 -0.76
CA MET A 6 26.62 5.82 0.66
C MET A 6 26.51 4.45 1.32
N GLU A 7 27.17 4.31 2.46
CA GLU A 7 26.98 3.10 3.33
C GLU A 7 25.55 2.69 3.61
N ARG A 8 25.30 1.38 3.52
CA ARG A 8 23.95 0.89 3.83
C ARG A 8 23.51 1.44 5.20
N ALA A 9 24.36 1.38 6.25
CA ALA A 9 23.86 1.78 7.59
C ALA A 9 23.58 3.28 7.57
N SER A 10 24.39 4.03 6.83
CA SER A 10 24.20 5.51 6.75
C SER A 10 22.88 5.85 6.01
N LEU A 11 22.52 5.06 4.98
CA LEU A 11 21.23 5.23 4.32
C LEU A 11 20.07 4.99 5.32
N ILE A 12 20.16 3.91 6.07
CA ILE A 12 19.11 3.62 7.06
C ILE A 12 19.06 4.71 8.15
N GLN A 13 20.24 5.12 8.63
CA GLN A 13 20.28 6.23 9.60
C GLN A 13 19.56 7.49 9.05
N LYS A 14 19.87 7.85 7.80
CA LYS A 14 19.29 9.10 7.20
C LYS A 14 17.81 8.93 6.90
N ALA A 15 17.41 7.70 6.56
CA ALA A 15 15.98 7.39 6.39
C ALA A 15 15.22 7.76 7.68
N LYS A 16 15.77 7.38 8.84
CA LYS A 16 15.10 7.67 10.10
C LYS A 16 15.12 9.15 10.41
N LEU A 17 16.22 9.84 10.13
CA LEU A 17 16.26 11.31 10.21
C LEU A 17 15.18 12.03 9.33
N ALA A 18 15.04 11.60 8.08
CA ALA A 18 14.11 12.18 7.14
C ALA A 18 12.71 11.91 7.67
N GLU A 19 12.48 10.71 8.22
CA GLU A 19 11.16 10.45 8.81
C GLU A 19 10.84 11.53 9.91
N GLN A 20 11.80 11.80 10.79
CA GLN A 20 11.55 12.74 11.91
C GLN A 20 11.37 14.14 11.37
N ALA A 21 11.99 14.45 10.24
CA ALA A 21 11.86 15.74 9.66
C ALA A 21 10.66 15.83 8.72
N GLU A 22 9.85 14.76 8.67
CA GLU A 22 8.76 14.61 7.69
C GLU A 22 9.22 14.89 6.25
N ARG A 23 10.41 14.42 5.90
CA ARG A 23 10.86 14.51 4.52
C ARG A 23 10.76 13.17 3.84
N TYR A 24 9.54 12.82 3.40
CA TYR A 24 9.29 11.45 2.96
C TYR A 24 9.87 11.08 1.57
N GLU A 25 10.02 12.06 0.68
CA GLU A 25 10.74 11.84 -0.58
C GLU A 25 12.20 11.51 -0.34
N ASP A 26 12.89 12.29 0.50
CA ASP A 26 14.22 11.89 0.93
C ASP A 26 14.23 10.51 1.59
N MET A 27 13.25 10.27 2.47
CA MET A 27 13.19 8.98 3.19
C MET A 27 13.12 7.82 2.18
N ALA A 28 12.23 7.98 1.21
CA ALA A 28 12.04 7.02 0.12
C ALA A 28 13.31 6.80 -0.69
N ALA A 29 13.97 7.91 -1.05
CA ALA A 29 15.23 7.81 -1.81
C ALA A 29 16.30 7.07 -1.01
N PHE A 30 16.41 7.35 0.29
CA PHE A 30 17.39 6.67 1.12
C PHE A 30 17.08 5.13 1.21
N MET A 31 15.81 4.77 1.38
CA MET A 31 15.45 3.36 1.48
C MET A 31 15.57 2.62 0.15
N LYS A 32 15.37 3.32 -0.98
CA LYS A 32 15.58 2.70 -2.29
C LYS A 32 17.07 2.38 -2.39
N GLY A 33 17.90 3.34 -1.94
CA GLY A 33 19.38 3.13 -1.95
C GLY A 33 19.73 1.92 -1.11
N ALA A 34 19.12 1.83 0.10
CA ALA A 34 19.38 0.69 0.97
C ALA A 34 18.96 -0.64 0.32
N VAL A 35 17.77 -0.71 -0.29
CA VAL A 35 17.33 -1.94 -0.89
C VAL A 35 18.34 -2.36 -2.01
N GLU A 36 18.78 -1.36 -2.78
CA GLU A 36 19.70 -1.61 -3.89
C GLU A 36 21.10 -2.06 -3.48
N LYS A 37 21.44 -2.00 -2.17
CA LYS A 37 22.66 -2.70 -1.68
C LYS A 37 22.61 -4.21 -1.86
N GLY A 38 21.42 -4.76 -2.06
CA GLY A 38 21.29 -6.19 -2.37
C GLY A 38 21.04 -7.10 -1.19
N GLU A 39 21.18 -6.60 0.04
CA GLU A 39 20.96 -7.45 1.21
C GLU A 39 19.44 -7.46 1.56
N GLU A 40 18.95 -8.56 2.16
CA GLU A 40 17.54 -8.60 2.63
C GLU A 40 17.32 -7.49 3.68
N LEU A 41 16.09 -7.06 3.88
CA LEU A 41 15.78 -6.03 4.87
C LEU A 41 15.31 -6.70 6.15
N SER A 42 15.64 -6.12 7.31
CA SER A 42 15.10 -6.60 8.56
C SER A 42 13.64 -6.12 8.71
N CYS A 43 12.98 -6.52 9.79
CA CYS A 43 11.62 -6.09 9.99
C CYS A 43 11.49 -4.56 10.05
N GLU A 44 12.35 -3.93 10.83
CA GLU A 44 12.34 -2.50 10.99
C GLU A 44 12.62 -1.80 9.66
N GLU A 45 13.60 -2.31 8.89
CA GLU A 45 13.96 -1.70 7.60
C GLU A 45 12.80 -1.81 6.59
N ARG A 46 12.09 -2.95 6.57
CA ARG A 46 10.90 -3.07 5.70
C ARG A 46 9.91 -2.05 6.05
N ASN A 47 9.72 -1.78 7.34
CA ASN A 47 8.72 -0.78 7.73
C ASN A 47 9.13 0.64 7.38
N LEU A 48 10.43 0.96 7.45
CA LEU A 48 10.93 2.25 6.96
C LEU A 48 10.65 2.43 5.47
N LEU A 49 10.88 1.38 4.69
CA LEU A 49 10.57 1.38 3.25
C LEU A 49 9.08 1.65 2.97
N SER A 50 8.17 0.87 3.57
CA SER A 50 6.77 1.05 3.36
C SER A 50 6.29 2.39 3.89
N VAL A 51 6.75 2.81 5.07
CA VAL A 51 6.37 4.16 5.56
C VAL A 51 6.74 5.30 4.54
N ALA A 52 7.96 5.26 4.01
CA ALA A 52 8.45 6.28 3.08
C ALA A 52 7.56 6.33 1.86
N TYR A 53 7.47 5.22 1.15
CA TYR A 53 6.67 5.26 -0.07
C TYR A 53 5.16 5.47 0.16
N LYS A 54 4.62 4.97 1.29
CA LYS A 54 3.20 5.16 1.57
C LYS A 54 2.89 6.67 1.63
N ASN A 55 3.70 7.45 2.34
CA ASN A 55 3.54 8.85 2.46
C ASN A 55 3.74 9.59 1.14
N VAL A 56 4.75 9.25 0.36
CA VAL A 56 4.93 9.91 -0.95
C VAL A 56 3.70 9.66 -1.85
N VAL A 57 3.36 8.41 -2.07
CA VAL A 57 2.27 8.11 -3.00
C VAL A 57 0.95 8.59 -2.40
N GLY A 58 0.89 8.64 -1.06
CA GLY A 58 -0.35 9.12 -0.39
C GLY A 58 -0.60 10.59 -0.75
N GLY A 59 0.44 11.42 -0.67
CA GLY A 59 0.28 12.79 -1.17
C GLY A 59 -0.05 12.89 -2.68
N GLN A 60 0.56 12.05 -3.49
CA GLN A 60 0.25 12.05 -4.95
C GLN A 60 -1.21 11.61 -5.21
N ARG A 61 -1.66 10.60 -4.49
CA ARG A 61 -3.05 10.18 -4.62
C ARG A 61 -4.03 11.31 -4.22
N ALA A 62 -3.80 11.99 -3.10
CA ALA A 62 -4.65 13.08 -2.67
C ALA A 62 -4.68 14.19 -3.73
N ALA A 63 -3.52 14.57 -4.26
CA ALA A 63 -3.49 15.60 -5.33
C ALA A 63 -4.24 15.13 -6.57
N TRP A 64 -3.99 13.88 -6.99
CA TRP A 64 -4.65 13.34 -8.19
C TRP A 64 -6.18 13.41 -8.04
N ARG A 65 -6.68 13.10 -6.85
CA ARG A 65 -8.16 13.15 -6.64
C ARG A 65 -8.73 14.54 -6.73
N VAL A 66 -8.02 15.50 -6.13
CA VAL A 66 -8.37 16.91 -6.21
C VAL A 66 -8.44 17.29 -7.69
N LEU A 67 -7.38 17.00 -8.47
CA LEU A 67 -7.35 17.38 -9.90
C LEU A 67 -8.42 16.63 -10.78
N SER A 68 -8.65 15.34 -10.50
CA SER A 68 -9.71 14.58 -11.16
C SER A 68 -11.08 15.17 -11.01
N SER A 69 -11.36 15.62 -9.81
CA SER A 69 -12.65 16.16 -9.43
C SER A 69 -12.81 17.51 -10.16
N ILE A 70 -11.75 18.31 -10.17
CA ILE A 70 -11.80 19.53 -10.99
C ILE A 70 -12.06 19.17 -12.46
N GLU A 71 -11.31 18.20 -12.97
CA GLU A 71 -11.39 17.89 -14.39
C GLU A 71 -12.82 17.40 -14.73
N GLN A 72 -13.38 16.55 -13.87
CA GLN A 72 -14.75 16.05 -14.12
C GLN A 72 -15.81 17.14 -14.11
N LYS A 73 -15.68 18.10 -13.20
CA LYS A 73 -16.46 19.32 -13.23
C LYS A 73 -16.37 20.19 -14.50
N SER A 74 -15.18 20.39 -15.02
CA SER A 74 -15.05 21.15 -16.27
C SER A 74 -15.68 20.37 -17.44
N ASN A 75 -16.04 19.12 -17.22
CA ASN A 75 -16.74 18.31 -18.23
C ASN A 75 -18.25 18.20 -18.11
N GLU A 76 -18.84 18.82 -17.08
CA GLU A 76 -20.31 18.88 -16.89
C GLU A 76 -20.97 19.77 -17.98
N GLU A 77 -22.18 19.42 -18.43
CA GLU A 77 -23.04 20.30 -19.25
C GLU A 77 -23.09 21.73 -18.65
N GLY A 78 -22.71 22.75 -19.41
CA GLY A 78 -22.83 24.13 -18.90
C GLY A 78 -21.60 24.67 -18.18
N SER A 79 -20.54 23.86 -18.09
CA SER A 79 -19.22 24.34 -17.62
C SER A 79 -18.57 25.11 -18.75
N GLU A 80 -17.82 26.14 -18.39
CA GLU A 80 -17.09 26.96 -19.37
C GLU A 80 -15.78 26.28 -19.79
N GLU A 81 -15.66 26.01 -21.08
CA GLU A 81 -14.42 25.47 -21.65
C GLU A 81 -13.18 26.15 -21.06
N LYS A 82 -12.24 25.38 -20.52
CA LYS A 82 -11.01 26.02 -20.01
C LYS A 82 -9.67 25.76 -20.75
N GLY A 83 -9.75 24.90 -21.77
CA GLY A 83 -8.58 24.50 -22.53
C GLY A 83 -7.96 23.29 -21.85
N PRO A 84 -6.74 22.95 -22.25
CA PRO A 84 -6.24 21.61 -21.93
C PRO A 84 -5.51 21.53 -20.55
N GLU A 85 -5.44 22.64 -19.82
CA GLU A 85 -4.54 22.74 -18.68
C GLU A 85 -4.92 21.79 -17.52
N VAL A 86 -6.20 21.66 -17.27
CA VAL A 86 -6.63 20.80 -16.17
C VAL A 86 -6.25 19.35 -16.47
N ARG A 87 -6.58 18.88 -17.68
CA ARG A 87 -6.19 17.52 -18.10
C ARG A 87 -4.65 17.40 -18.09
N GLU A 88 -3.92 18.39 -18.64
CA GLU A 88 -2.42 18.30 -18.65
C GLU A 88 -1.84 18.12 -17.27
N TYR A 89 -2.30 18.94 -16.34
CA TYR A 89 -1.69 18.93 -15.02
C TYR A 89 -2.10 17.64 -14.23
N ARG A 90 -3.37 17.21 -14.36
CA ARG A 90 -3.80 15.88 -13.84
C ARG A 90 -2.87 14.75 -14.40
N GLU A 91 -2.61 14.76 -15.70
CA GLU A 91 -1.70 13.81 -16.38
C GLU A 91 -0.28 13.89 -15.82
N LYS A 92 0.19 15.10 -15.50
CA LYS A 92 1.54 15.30 -14.95
C LYS A 92 1.57 14.61 -13.58
N VAL A 93 0.62 14.93 -12.70
CA VAL A 93 0.59 14.31 -11.37
C VAL A 93 0.42 12.79 -11.49
N GLU A 94 -0.52 12.38 -12.37
CA GLU A 94 -0.76 10.99 -12.62
C GLU A 94 0.51 10.22 -13.06
N THR A 95 1.26 10.83 -13.96
CA THR A 95 2.51 10.17 -14.50
C THR A 95 3.56 9.97 -13.39
N GLU A 96 3.69 10.99 -12.56
CA GLU A 96 4.59 10.98 -11.48
C GLU A 96 4.16 9.90 -10.45
N LEU A 97 2.88 9.85 -10.09
CA LEU A 97 2.32 8.70 -9.28
C LEU A 97 2.67 7.31 -9.82
N GLN A 98 2.43 7.11 -11.10
CA GLN A 98 2.73 5.82 -11.73
C GLN A 98 4.22 5.53 -11.67
N GLY A 99 5.04 6.57 -11.78
CA GLY A 99 6.48 6.33 -11.72
C GLY A 99 6.88 5.93 -10.32
N VAL A 100 6.33 6.55 -9.30
CA VAL A 100 6.58 6.03 -7.94
C VAL A 100 6.13 4.54 -7.75
N CYS A 101 4.93 4.23 -8.23
CA CYS A 101 4.45 2.84 -8.13
C CYS A 101 5.32 1.89 -8.90
N ASP A 102 5.71 2.26 -10.11
CA ASP A 102 6.65 1.45 -10.87
C ASP A 102 7.99 1.29 -10.17
N THR A 103 8.45 2.36 -9.51
CA THR A 103 9.69 2.22 -8.74
C THR A 103 9.58 1.20 -7.60
N VAL A 104 8.46 1.23 -6.84
CA VAL A 104 8.32 0.30 -5.71
C VAL A 104 8.20 -1.13 -6.22
N LEU A 105 7.39 -1.33 -7.27
CA LEU A 105 7.17 -2.67 -7.84
C LEU A 105 8.48 -3.20 -8.41
N GLY A 106 9.30 -2.30 -8.92
CA GLY A 106 10.61 -2.67 -9.45
C GLY A 106 11.48 -3.16 -8.34
N LEU A 107 11.42 -2.54 -7.15
CA LEU A 107 12.23 -3.00 -6.04
C LEU A 107 11.79 -4.36 -5.53
N LEU A 108 10.47 -4.56 -5.47
CA LEU A 108 9.93 -5.86 -5.07
C LEU A 108 10.32 -6.97 -6.04
N ASP A 109 10.29 -6.66 -7.31
CA ASP A 109 10.60 -7.63 -8.32
C ASP A 109 12.13 -7.85 -8.49
N SER A 110 12.93 -6.83 -8.14
CA SER A 110 14.40 -6.91 -8.18
C SER A 110 15.13 -6.43 -6.89
N HIS A 111 15.23 -7.25 -5.82
CA HIS A 111 14.88 -8.69 -5.82
C HIS A 111 14.26 -9.09 -4.51
N LEU A 112 13.47 -8.19 -3.93
CA LEU A 112 12.97 -8.34 -2.54
C LEU A 112 12.12 -9.60 -2.40
N ILE A 113 11.18 -9.80 -3.30
CA ILE A 113 10.21 -10.88 -3.17
C ILE A 113 10.90 -12.24 -3.28
N LYS A 114 11.75 -12.38 -4.29
CA LYS A 114 12.31 -13.69 -4.59
C LYS A 114 13.30 -14.10 -3.50
N GLU A 115 13.86 -13.16 -2.76
CA GLU A 115 14.63 -13.62 -1.65
C GLU A 115 13.87 -13.77 -0.34
N ALA A 116 12.60 -13.35 -0.28
CA ALA A 116 11.87 -13.33 1.01
C ALA A 116 11.27 -14.74 1.27
N GLY A 117 11.87 -15.51 2.18
CA GLY A 117 11.40 -16.88 2.49
C GLY A 117 10.63 -16.98 3.82
N ASP A 118 10.80 -16.06 4.77
CA ASP A 118 9.97 -16.14 6.02
C ASP A 118 8.60 -15.56 5.77
N ALA A 119 7.56 -16.10 6.43
CA ALA A 119 6.19 -15.60 6.23
C ALA A 119 6.10 -14.07 6.45
N GLU A 120 6.74 -13.55 7.50
CA GLU A 120 6.61 -12.14 7.85
C GLU A 120 7.17 -11.25 6.69
N SER A 121 8.30 -11.65 6.11
CA SER A 121 8.85 -10.85 5.01
C SER A 121 8.07 -11.11 3.71
N ARG A 122 7.73 -12.37 3.40
CA ARG A 122 7.05 -12.66 2.10
C ARG A 122 5.64 -12.04 2.01
N VAL A 123 4.87 -12.22 3.07
CA VAL A 123 3.55 -11.59 3.13
C VAL A 123 3.62 -10.06 3.07
N PHE A 124 4.57 -9.47 3.79
CA PHE A 124 4.70 -8.02 3.81
C PHE A 124 4.97 -7.49 2.36
N TYR A 125 5.91 -8.11 1.65
CA TYR A 125 6.23 -7.67 0.30
C TYR A 125 5.12 -7.96 -0.70
N LEU A 126 4.42 -9.09 -0.54
CA LEU A 126 3.28 -9.39 -1.43
C LEU A 126 2.13 -8.42 -1.16
N LYS A 127 1.86 -8.09 0.10
CA LYS A 127 0.89 -7.01 0.41
C LYS A 127 1.26 -5.69 -0.33
N MET A 128 2.52 -5.29 -0.19
CA MET A 128 3.03 -4.09 -0.86
C MET A 128 2.81 -4.17 -2.39
N LYS A 129 3.06 -5.36 -2.98
CA LYS A 129 2.90 -5.51 -4.40
C LYS A 129 1.43 -5.28 -4.74
N GLY A 130 0.52 -5.92 -4.01
CA GLY A 130 -0.92 -5.66 -4.19
C GLY A 130 -1.31 -4.17 -4.04
N ASP A 131 -0.79 -3.51 -3.02
CA ASP A 131 -1.11 -2.09 -2.73
C ASP A 131 -0.72 -1.23 -3.93
N TYR A 132 0.49 -1.46 -4.45
CA TYR A 132 1.06 -0.53 -5.46
C TYR A 132 0.36 -0.80 -6.84
N TYR A 133 0.04 -2.06 -7.13
CA TYR A 133 -0.90 -2.31 -8.22
C TYR A 133 -2.28 -1.71 -7.96
N ARG A 134 -2.79 -1.78 -6.74
CA ARG A 134 -4.04 -1.06 -6.49
C ARG A 134 -3.90 0.46 -6.79
N TYR A 135 -2.80 1.07 -6.40
CA TYR A 135 -2.69 2.53 -6.69
C TYR A 135 -2.64 2.79 -8.18
N LEU A 136 -1.95 1.94 -8.92
CA LEU A 136 -2.02 2.02 -10.36
C LEU A 136 -3.44 1.81 -10.86
N ALA A 137 -4.19 0.88 -10.27
CA ALA A 137 -5.58 0.61 -10.72
C ALA A 137 -6.49 1.81 -10.51
N GLU A 138 -6.28 2.57 -9.44
CA GLU A 138 -7.12 3.72 -9.16
C GLU A 138 -7.10 4.79 -10.29
N VAL A 139 -5.99 4.89 -11.02
CA VAL A 139 -5.85 5.88 -12.09
C VAL A 139 -5.87 5.26 -13.49
N ALA A 140 -5.99 3.95 -13.55
CA ALA A 140 -6.01 3.23 -14.83
C ALA A 140 -7.36 3.41 -15.54
N THR A 141 -7.29 3.61 -16.86
CA THR A 141 -8.55 3.77 -17.64
C THR A 141 -8.40 3.14 -19.02
N GLY A 142 -7.40 2.30 -19.22
CA GLY A 142 -7.04 1.86 -20.57
C GLY A 142 -7.17 0.36 -20.84
N ASP A 143 -6.59 -0.06 -21.97
CA ASP A 143 -6.42 -1.48 -22.36
C ASP A 143 -5.88 -2.36 -21.23
N ASP A 144 -5.17 -1.73 -20.30
CA ASP A 144 -4.38 -2.43 -19.30
C ASP A 144 -5.06 -2.49 -17.93
N LYS A 145 -6.18 -1.79 -17.79
CA LYS A 145 -6.83 -1.69 -16.50
C LYS A 145 -7.18 -3.06 -15.90
N LYS A 146 -7.68 -3.97 -16.72
CA LYS A 146 -8.04 -5.28 -16.17
C LYS A 146 -6.85 -6.03 -15.71
N ARG A 147 -5.73 -5.92 -16.41
CA ARG A 147 -4.58 -6.73 -16.08
C ARG A 147 -3.91 -6.14 -14.83
N ILE A 148 -4.01 -4.82 -14.68
CA ILE A 148 -3.43 -4.16 -13.49
C ILE A 148 -4.23 -4.64 -12.24
N ILE A 149 -5.55 -4.60 -12.36
CA ILE A 149 -6.44 -5.13 -11.30
C ILE A 149 -6.13 -6.60 -10.98
N ASP A 150 -5.97 -7.44 -11.99
CA ASP A 150 -5.67 -8.83 -11.73
C ASP A 150 -4.28 -8.97 -11.09
N SER A 151 -3.32 -8.10 -11.48
CA SER A 151 -2.02 -8.14 -10.79
C SER A 151 -2.15 -7.82 -9.29
N ALA A 152 -2.96 -6.82 -8.96
CA ALA A 152 -3.24 -6.51 -7.53
C ALA A 152 -3.87 -7.75 -6.84
N ARG A 153 -4.93 -8.26 -7.44
CA ARG A 153 -5.64 -9.41 -6.88
C ARG A 153 -4.70 -10.60 -6.65
N SER A 154 -3.94 -10.93 -7.67
CA SER A 154 -3.05 -12.05 -7.59
C SER A 154 -2.00 -11.92 -6.46
N ALA A 155 -1.47 -10.72 -6.27
CA ALA A 155 -0.47 -10.51 -5.21
C ALA A 155 -1.11 -10.60 -3.84
N TYR A 156 -2.23 -9.90 -3.65
CA TYR A 156 -3.02 -10.01 -2.41
C TYR A 156 -3.39 -11.46 -2.06
N GLN A 157 -3.81 -12.25 -3.07
CA GLN A 157 -4.29 -13.63 -2.87
C GLN A 157 -3.15 -14.53 -2.37
N GLU A 158 -1.96 -14.40 -2.99
CA GLU A 158 -0.81 -15.25 -2.62
C GLU A 158 -0.43 -14.86 -1.18
N ALA A 159 -0.48 -13.54 -0.89
CA ALA A 159 -0.15 -13.07 0.46
C ALA A 159 -1.20 -13.62 1.44
N MET A 160 -2.49 -13.53 1.12
CA MET A 160 -3.56 -14.17 1.96
C MET A 160 -3.31 -15.65 2.22
N ASP A 161 -3.01 -16.40 1.15
CA ASP A 161 -2.83 -17.87 1.34
C ASP A 161 -1.67 -18.16 2.30
N ILE A 162 -0.54 -17.47 2.12
CA ILE A 162 0.61 -17.70 3.01
C ILE A 162 0.23 -17.23 4.43
N SER A 163 -0.45 -16.07 4.56
CA SER A 163 -0.72 -15.56 5.90
C SER A 163 -1.66 -16.50 6.70
N LYS A 164 -2.61 -17.12 5.99
CA LYS A 164 -3.54 -18.03 6.63
C LYS A 164 -2.86 -19.30 7.07
N LYS A 165 -1.93 -19.77 6.27
CA LYS A 165 -1.18 -20.95 6.62
C LYS A 165 -0.14 -20.71 7.75
N GLU A 166 0.53 -19.55 7.71
CA GLU A 166 1.72 -19.37 8.53
C GLU A 166 1.63 -18.40 9.69
N MET A 167 0.58 -17.60 9.81
CA MET A 167 0.57 -16.60 10.89
C MET A 167 -0.71 -16.75 11.66
N PRO A 168 -0.73 -16.34 12.95
CA PRO A 168 -1.94 -16.37 13.78
C PRO A 168 -2.93 -15.31 13.26
N PRO A 169 -4.24 -15.48 13.50
CA PRO A 169 -5.26 -14.54 12.97
C PRO A 169 -5.08 -13.13 13.51
N THR A 170 -4.33 -12.95 14.62
CA THR A 170 -4.11 -11.58 15.14
C THR A 170 -2.83 -10.86 14.64
N ASN A 171 -1.99 -11.58 13.89
CA ASN A 171 -0.74 -10.99 13.40
CA ASN A 171 -0.75 -10.99 13.39
C ASN A 171 -1.06 -9.67 12.66
N PRO A 172 -0.45 -8.51 13.08
CA PRO A 172 -0.72 -7.20 12.46
C PRO A 172 -0.52 -7.14 10.96
N ILE A 173 0.42 -7.93 10.44
CA ILE A 173 0.64 -7.91 8.95
C ILE A 173 -0.53 -8.61 8.29
N ARG A 174 -0.87 -9.79 8.79
CA ARG A 174 -2.06 -10.50 8.31
C ARG A 174 -3.34 -9.62 8.36
N LEU A 175 -3.54 -8.90 9.47
CA LEU A 175 -4.71 -8.02 9.63
C LEU A 175 -4.68 -6.87 8.66
N GLY A 176 -3.51 -6.26 8.48
CA GLY A 176 -3.42 -5.08 7.60
C GLY A 176 -3.59 -5.51 6.16
N LEU A 177 -3.14 -6.71 5.86
CA LEU A 177 -3.27 -7.22 4.47
C LEU A 177 -4.73 -7.48 4.20
N ALA A 178 -5.41 -8.10 5.14
CA ALA A 178 -6.88 -8.34 5.01
C ALA A 178 -7.65 -7.01 4.88
N LEU A 179 -7.33 -6.06 5.73
CA LEU A 179 -7.94 -4.72 5.60
C LEU A 179 -7.81 -4.16 4.18
N ASN A 180 -6.56 -4.12 3.68
CA ASN A 180 -6.30 -3.57 2.32
C ASN A 180 -6.93 -4.42 1.21
N PHE A 181 -6.89 -5.75 1.29
CA PHE A 181 -7.49 -6.55 0.26
C PHE A 181 -8.99 -6.38 0.25
N SER A 182 -9.57 -6.21 1.45
CA SER A 182 -11.01 -5.93 1.59
C SER A 182 -11.36 -4.56 0.90
N VAL A 183 -10.52 -3.53 1.10
CA VAL A 183 -10.69 -2.21 0.35
C VAL A 183 -10.55 -2.38 -1.20
N PHE A 184 -9.62 -3.26 -1.59
CA PHE A 184 -9.43 -3.57 -2.99
C PHE A 184 -10.76 -4.09 -3.50
N HIS A 185 -11.39 -5.06 -2.81
CA HIS A 185 -12.65 -5.57 -3.34
C HIS A 185 -13.71 -4.49 -3.48
N TYR A 186 -13.77 -3.61 -2.48
CA TYR A 186 -14.86 -2.66 -2.41
C TYR A 186 -14.64 -1.55 -3.47
N GLU A 187 -13.44 -1.05 -3.51
CA GLU A 187 -13.13 0.17 -4.25
C GLU A 187 -12.68 -0.14 -5.67
N ILE A 188 -12.02 -1.27 -5.89
CA ILE A 188 -11.39 -1.50 -7.18
C ILE A 188 -12.13 -2.56 -7.96
N ALA A 189 -12.46 -3.67 -7.30
CA ALA A 189 -12.96 -4.87 -8.01
C ALA A 189 -14.48 -4.86 -8.03
N ASN A 190 -15.09 -3.80 -7.52
CA ASN A 190 -16.54 -3.69 -7.53
C ASN A 190 -17.24 -4.89 -6.84
N SER A 191 -16.71 -5.36 -5.71
CA SER A 191 -17.29 -6.54 -5.04
C SER A 191 -17.50 -6.17 -3.59
N PRO A 192 -18.50 -5.31 -3.35
CA PRO A 192 -18.67 -4.88 -1.97
C PRO A 192 -19.00 -6.02 -1.02
N GLU A 193 -19.68 -7.05 -1.50
CA GLU A 193 -19.99 -8.18 -0.62
C GLU A 193 -18.78 -8.97 -0.17
N GLU A 194 -17.84 -9.21 -1.11
CA GLU A 194 -16.58 -9.85 -0.76
C GLU A 194 -15.78 -9.02 0.24
N ALA A 195 -15.73 -7.72 0.00
CA ALA A 195 -15.10 -6.72 0.91
C ALA A 195 -15.66 -6.83 2.34
N ILE A 196 -16.98 -6.94 2.43
CA ILE A 196 -17.68 -6.98 3.74
C ILE A 196 -17.40 -8.32 4.46
N SER A 197 -17.61 -9.42 3.76
CA SER A 197 -17.37 -10.74 4.24
C SER A 197 -15.91 -10.88 4.70
N LEU A 198 -14.97 -10.39 3.89
CA LEU A 198 -13.59 -10.57 4.31
C LEU A 198 -13.29 -9.77 5.62
N ALA A 199 -13.75 -8.52 5.69
CA ALA A 199 -13.47 -7.68 6.86
C ALA A 199 -14.12 -8.30 8.13
N LYS A 200 -15.37 -8.76 7.99
CA LYS A 200 -16.13 -9.40 9.10
C LYS A 200 -15.43 -10.69 9.59
N THR A 201 -15.13 -11.63 8.69
CA THR A 201 -14.40 -12.88 9.05
C THR A 201 -12.99 -12.62 9.69
N THR A 202 -12.23 -11.72 9.06
CA THR A 202 -10.95 -11.32 9.63
C THR A 202 -11.14 -10.76 11.06
N PHE A 203 -12.13 -9.89 11.24
CA PHE A 203 -12.32 -9.26 12.58
C PHE A 203 -12.64 -10.37 13.62
N ASP A 204 -13.56 -11.23 13.25
CA ASP A 204 -14.08 -12.23 14.20
C ASP A 204 -13.01 -13.30 14.54
N GLU A 205 -12.24 -13.75 13.58
CA GLU A 205 -11.15 -14.66 13.88
C GLU A 205 -10.02 -14.01 14.72
N ALA A 206 -9.71 -12.73 14.48
CA ALA A 206 -8.77 -12.08 15.35
C ALA A 206 -9.34 -11.99 16.78
N MET A 207 -10.60 -11.56 16.91
CA MET A 207 -11.25 -11.44 18.23
C MET A 207 -11.03 -12.69 19.12
N ALA A 208 -11.27 -13.85 18.53
CA ALA A 208 -11.18 -15.12 19.21
C ALA A 208 -9.75 -15.59 19.51
N ASP A 209 -8.75 -14.85 19.03
CA ASP A 209 -7.34 -15.17 19.27
C ASP A 209 -6.63 -14.10 20.20
N LEU A 210 -7.33 -13.01 20.53
CA LEU A 210 -6.76 -11.96 21.38
C LEU A 210 -6.32 -12.54 22.74
N HIS A 211 -7.02 -13.56 23.20
CA HIS A 211 -6.76 -14.12 24.55
C HIS A 211 -5.36 -14.66 24.66
N THR A 212 -4.73 -14.94 23.52
CA THR A 212 -3.37 -15.55 23.56
C THR A 212 -2.26 -14.50 23.67
N LEU A 213 -2.62 -13.23 23.53
CA LEU A 213 -1.62 -12.17 23.40
C LEU A 213 -1.17 -11.52 24.74
N SER A 214 0.07 -11.03 24.78
CA SER A 214 0.49 -10.01 25.76
C SER A 214 -0.30 -8.70 25.56
N GLU A 215 -0.23 -7.85 26.57
CA GLU A 215 -0.86 -6.55 26.49
C GLU A 215 -0.33 -5.67 25.29
N ASP A 216 0.97 -5.70 24.97
CA ASP A 216 1.48 -4.90 23.81
C ASP A 216 1.05 -5.46 22.44
N SER A 217 0.97 -6.78 22.33
CA SER A 217 0.55 -7.43 21.08
C SER A 217 -0.96 -7.19 20.93
N TYR A 218 -1.65 -7.25 22.09
CA TYR A 218 -3.09 -6.94 22.10
C TYR A 218 -3.36 -5.54 21.56
N LYS A 219 -2.60 -4.55 22.04
CA LYS A 219 -2.68 -3.18 21.45
C LYS A 219 -2.45 -3.11 19.94
N ASP A 220 -1.35 -3.70 19.44
CA ASP A 220 -1.09 -3.69 17.99
C ASP A 220 -2.25 -4.32 17.23
N SER A 221 -2.76 -5.47 17.71
CA SER A 221 -3.86 -6.14 17.00
C SER A 221 -5.21 -5.41 16.99
N THR A 222 -5.63 -4.92 18.17
CA THR A 222 -6.93 -4.24 18.29
C THR A 222 -6.91 -2.89 17.54
N LEU A 223 -5.72 -2.30 17.44
CA LEU A 223 -5.61 -1.06 16.63
C LEU A 223 -6.14 -1.36 15.18
N ILE A 224 -5.62 -2.41 14.58
CA ILE A 224 -6.00 -2.71 13.19
C ILE A 224 -7.42 -3.28 13.11
N MET A 225 -7.84 -4.01 14.13
CA MET A 225 -9.23 -4.53 14.17
C MET A 225 -10.25 -3.38 14.14
N GLN A 226 -9.90 -2.29 14.83
CA GLN A 226 -10.75 -1.09 14.84
C GLN A 226 -10.94 -0.49 13.42
N LEU A 227 -9.89 -0.56 12.60
CA LEU A 227 -9.96 -0.08 11.21
C LEU A 227 -10.88 -0.97 10.37
N LEU A 228 -10.80 -2.30 10.59
CA LEU A 228 -11.74 -3.20 9.96
C LEU A 228 -13.18 -2.83 10.35
N ARG A 229 -13.43 -2.63 11.64
CA ARG A 229 -14.78 -2.27 12.09
C ARG A 229 -15.17 -0.89 11.51
N ASP A 230 -14.24 0.07 11.43
CA ASP A 230 -14.62 1.40 10.91
C ASP A 230 -15.07 1.23 9.46
N ASN A 231 -14.38 0.38 8.69
CA ASN A 231 -14.77 0.13 7.29
C ASN A 231 -16.15 -0.55 7.23
N LEU A 232 -16.33 -1.60 8.01
CA LEU A 232 -17.67 -2.21 8.08
C LEU A 232 -18.81 -1.23 8.37
N THR A 233 -18.57 -0.27 9.27
CA THR A 233 -19.55 0.77 9.65
C THR A 233 -19.82 1.68 8.45
N LEU A 234 -18.75 2.01 7.74
CA LEU A 234 -18.83 2.80 6.55
C LEU A 234 -19.64 2.06 5.50
N TRP A 235 -19.49 0.73 5.44
CA TRP A 235 -20.14 -0.01 4.36
C TRP A 235 -21.49 -0.64 4.63
N THR A 236 -22.00 -0.62 5.88
CA THR A 236 -23.29 -1.30 6.23
C THR A 236 -24.29 -0.40 6.99
N PHE B 7 -13.16 8.23 2.21
CA PHE B 7 -12.35 7.04 1.78
C PHE B 7 -12.18 6.00 2.93
N PRO B 8 -12.15 4.70 2.61
CA PRO B 8 -12.02 3.70 3.72
C PRO B 8 -10.54 3.56 4.22
N ALA B 9 -10.32 3.00 5.41
CA ALA B 9 -8.97 2.91 5.99
C ALA B 9 -8.16 1.76 5.36
N VAL B 11 -3.75 0.38 5.55
CA VAL B 11 -2.50 0.59 6.30
C VAL B 11 -1.35 0.25 5.40
#